data_5LHM
#
_entry.id   5LHM
#
_cell.length_a   64.558
_cell.length_b   64.558
_cell.length_c   118.163
_cell.angle_alpha   90.000
_cell.angle_beta   90.000
_cell.angle_gamma   120.000
#
_symmetry.space_group_name_H-M   'P 31 2 1'
#
loop_
_entity.id
_entity.type
_entity.pdbx_description
1 polymer 'Putative O-methyltransferase'
2 non-polymer 'MAGNESIUM ION'
3 non-polymer 'CHLORIDE ION'
4 non-polymer (R,R)-2,3-BUTANEDIOL
5 water water
#
_entity_poly.entity_id   1
_entity_poly.type   'polypeptide(L)'
_entity_poly.pdbx_seq_one_letter_code
;MIHHVELTQSVLQYIRDSSVRDNDILRDLREETSKLPLRTMQIPPEQGQLLSLLVRLIGARKTLEVGVFTGYSTLCTALA
LPADGRVIACDLSEEWVSIARRYWQRAGVADRIEVRLGDAHHSLEALVGSEHRGTFDLAFIDADKESYDFYYEHALRLVR
PGGLIILDNTLWSGKVADPSVVGDPETDSLRRINAKLLTDERVDLSMLPIADGLTLARKRKLAAALEHHHHHH
;
_entity_poly.pdbx_strand_id   A
#
loop_
_chem_comp.id
_chem_comp.type
_chem_comp.name
_chem_comp.formula
BU3 non-polymer (R,R)-2,3-BUTANEDIOL 'C4 H10 O2'
CL non-polymer 'CHLORIDE ION' 'Cl -1'
MG non-polymer 'MAGNESIUM ION' 'Mg 2'
#
# COMPACT_ATOMS: atom_id res chain seq x y z
N LEU A 7 -16.85 3.44 -23.23
CA LEU A 7 -17.15 3.12 -21.85
C LEU A 7 -15.91 2.72 -21.06
N THR A 8 -15.60 3.47 -20.00
CA THR A 8 -14.47 3.18 -19.13
C THR A 8 -14.80 1.97 -18.25
N GLN A 9 -16.10 1.79 -17.88
CA GLN A 9 -16.53 0.67 -17.04
C GLN A 9 -16.31 -0.68 -17.75
N SER A 10 -16.64 -0.75 -19.05
CA SER A 10 -16.46 -1.95 -19.87
C SER A 10 -14.96 -2.28 -19.97
N VAL A 11 -14.11 -1.25 -20.13
CA VAL A 11 -12.64 -1.43 -20.19
C VAL A 11 -12.12 -1.87 -18.82
N LEU A 12 -12.56 -1.24 -17.70
CA LEU A 12 -12.09 -1.69 -16.39
C LEU A 12 -12.50 -3.16 -16.15
N GLN A 13 -13.75 -3.51 -16.50
CA GLN A 13 -14.25 -4.87 -16.38
C GLN A 13 -13.37 -5.82 -17.22
N TYR A 14 -12.97 -5.39 -18.41
CA TYR A 14 -12.13 -6.19 -19.30
C TYR A 14 -10.78 -6.37 -18.69
N ILE A 15 -10.17 -5.31 -18.12
CA ILE A 15 -8.87 -5.53 -17.48
C ILE A 15 -8.96 -6.60 -16.39
N ARG A 16 -10.03 -6.54 -15.59
CA ARG A 16 -10.20 -7.54 -14.52
C ARG A 16 -10.44 -8.93 -15.13
N ASP A 17 -11.34 -9.05 -16.08
CA ASP A 17 -11.64 -10.34 -16.69
C ASP A 17 -10.46 -10.96 -17.44
N SER A 18 -9.63 -10.13 -18.09
CA SER A 18 -8.55 -10.59 -18.93
CA SER A 18 -8.54 -10.59 -18.94
C SER A 18 -7.18 -10.64 -18.26
N SER A 19 -7.05 -10.10 -17.04
CA SER A 19 -5.72 -10.12 -16.44
C SER A 19 -5.60 -10.48 -14.95
N VAL A 20 -6.70 -10.45 -14.20
CA VAL A 20 -6.66 -10.77 -12.77
C VAL A 20 -6.59 -12.27 -12.55
N ARG A 21 -5.49 -12.70 -11.90
CA ARG A 21 -5.27 -14.11 -11.56
C ARG A 21 -5.78 -14.31 -10.14
N ASP A 22 -7.05 -14.63 -10.08
CA ASP A 22 -7.72 -14.73 -8.82
C ASP A 22 -7.65 -16.13 -8.25
N ASN A 23 -8.04 -16.27 -6.98
CA ASN A 23 -8.14 -17.56 -6.33
C ASN A 23 -9.15 -17.42 -5.21
N ASP A 24 -9.60 -18.53 -4.65
CA ASP A 24 -10.68 -18.50 -3.65
C ASP A 24 -10.31 -17.79 -2.34
N ILE A 25 -9.01 -17.71 -2.02
CA ILE A 25 -8.58 -16.98 -0.81
C ILE A 25 -8.86 -15.48 -1.03
N LEU A 26 -8.36 -14.95 -2.16
CA LEU A 26 -8.52 -13.53 -2.49
C LEU A 26 -9.98 -13.17 -2.69
N ARG A 27 -10.72 -14.03 -3.39
CA ARG A 27 -12.14 -13.83 -3.65
CA ARG A 27 -12.13 -13.79 -3.66
C ARG A 27 -12.94 -13.74 -2.36
N ASP A 28 -12.68 -14.69 -1.45
CA ASP A 28 -13.40 -14.69 -0.20
C ASP A 28 -13.09 -13.43 0.63
N LEU A 29 -11.81 -13.03 0.66
CA LEU A 29 -11.39 -11.84 1.42
C LEU A 29 -12.05 -10.59 0.83
N ARG A 30 -12.13 -10.47 -0.52
CA ARG A 30 -12.81 -9.29 -1.07
C ARG A 30 -14.29 -9.29 -0.73
N GLU A 31 -14.95 -10.48 -0.80
CA GLU A 31 -16.37 -10.56 -0.47
CA GLU A 31 -16.37 -10.51 -0.47
C GLU A 31 -16.61 -10.23 0.98
N GLU A 32 -15.83 -10.87 1.88
CA GLU A 32 -15.99 -10.60 3.31
C GLU A 32 -15.79 -9.12 3.64
N THR A 33 -14.79 -8.46 3.02
CA THR A 33 -14.52 -7.05 3.26
C THR A 33 -15.71 -6.19 2.78
N SER A 34 -16.31 -6.57 1.64
CA SER A 34 -17.43 -5.80 1.03
C SER A 34 -18.66 -5.77 1.91
N LYS A 35 -18.80 -6.76 2.79
CA LYS A 35 -19.96 -6.93 3.68
C LYS A 35 -19.78 -6.33 5.06
N LEU A 36 -18.63 -5.69 5.33
CA LEU A 36 -18.38 -5.08 6.63
C LEU A 36 -19.27 -3.84 6.89
N PRO A 37 -19.62 -3.49 8.15
CA PRO A 37 -20.50 -2.33 8.37
C PRO A 37 -19.77 -0.99 8.48
N MET A 41 -15.00 1.51 0.05
CA MET A 41 -14.19 1.09 -1.10
C MET A 41 -14.21 -0.44 -1.27
N GLN A 42 -14.53 -0.89 -2.49
CA GLN A 42 -14.50 -2.32 -2.83
C GLN A 42 -13.03 -2.59 -3.18
N ILE A 43 -12.46 -3.74 -2.74
CA ILE A 43 -11.02 -3.97 -3.00
C ILE A 43 -10.77 -4.12 -4.53
N PRO A 44 -9.84 -3.35 -5.15
CA PRO A 44 -9.53 -3.55 -6.58
C PRO A 44 -8.43 -4.61 -6.74
N PRO A 45 -8.78 -5.82 -7.23
CA PRO A 45 -7.77 -6.91 -7.29
C PRO A 45 -6.59 -6.63 -8.21
N GLU A 46 -6.78 -5.83 -9.25
CA GLU A 46 -5.69 -5.48 -10.15
C GLU A 46 -4.52 -4.77 -9.44
N GLN A 47 -4.84 -4.00 -8.38
CA GLN A 47 -3.81 -3.29 -7.64
C GLN A 47 -2.93 -4.26 -6.80
N GLY A 48 -3.55 -5.21 -6.09
CA GLY A 48 -2.80 -6.19 -5.32
C GLY A 48 -1.89 -6.99 -6.22
N GLN A 49 -2.40 -7.32 -7.41
CA GLN A 49 -1.61 -8.10 -8.36
C GLN A 49 -0.41 -7.31 -8.88
N LEU A 50 -0.57 -6.00 -9.11
CA LEU A 50 0.55 -5.15 -9.50
C LEU A 50 1.59 -5.09 -8.36
N LEU A 51 1.12 -4.95 -7.11
CA LEU A 51 1.99 -4.89 -5.95
C LEU A 51 2.80 -6.18 -5.90
N SER A 52 2.14 -7.35 -6.10
CA SER A 52 2.86 -8.61 -6.11
CA SER A 52 2.86 -8.62 -6.13
C SER A 52 3.94 -8.62 -7.21
N LEU A 53 3.60 -8.13 -8.44
CA LEU A 53 4.59 -8.12 -9.50
C LEU A 53 5.78 -7.22 -9.15
N LEU A 54 5.49 -6.04 -8.54
CA LEU A 54 6.57 -5.08 -8.21
C LEU A 54 7.51 -5.65 -7.16
N VAL A 55 6.94 -6.37 -6.16
CA VAL A 55 7.74 -7.04 -5.15
C VAL A 55 8.72 -8.01 -5.82
N ARG A 56 8.21 -8.81 -6.77
CA ARG A 56 9.08 -9.79 -7.44
C ARG A 56 10.10 -9.11 -8.35
N LEU A 57 9.68 -8.07 -9.08
CA LEU A 57 10.54 -7.34 -10.01
CA LEU A 57 10.55 -7.35 -10.02
C LEU A 57 11.78 -6.77 -9.31
N ILE A 58 11.60 -6.24 -8.09
CA ILE A 58 12.74 -5.64 -7.37
C ILE A 58 13.47 -6.62 -6.47
N GLY A 59 12.97 -7.86 -6.38
CA GLY A 59 13.52 -8.89 -5.53
C GLY A 59 13.44 -8.50 -4.06
N ALA A 60 12.30 -7.93 -3.66
CA ALA A 60 12.11 -7.48 -2.29
C ALA A 60 12.16 -8.64 -1.30
N ARG A 61 12.74 -8.37 -0.14
CA ARG A 61 12.82 -9.33 0.97
C ARG A 61 12.21 -8.77 2.24
N LYS A 62 12.23 -7.44 2.42
CA LYS A 62 11.73 -6.80 3.62
C LYS A 62 10.91 -5.61 3.20
N THR A 63 9.64 -5.60 3.57
CA THR A 63 8.73 -4.53 3.16
C THR A 63 8.00 -3.92 4.34
N LEU A 64 7.49 -2.69 4.14
CA LEU A 64 6.74 -1.95 5.11
C LEU A 64 5.34 -1.68 4.55
N GLU A 65 4.32 -1.76 5.37
CA GLU A 65 2.96 -1.38 4.95
C GLU A 65 2.34 -0.50 6.01
N VAL A 66 1.62 0.52 5.56
CA VAL A 66 0.86 1.39 6.46
C VAL A 66 -0.60 1.30 5.99
N GLY A 67 -1.54 0.96 6.90
CA GLY A 67 -2.96 0.85 6.60
C GLY A 67 -3.43 -0.54 6.99
N VAL A 68 -3.18 -1.50 6.09
CA VAL A 68 -3.42 -2.94 6.27
C VAL A 68 -4.89 -3.29 6.13
N PHE A 69 -5.75 -2.77 7.05
CA PHE A 69 -7.20 -3.01 7.01
C PHE A 69 -7.51 -4.51 7.06
N THR A 70 -8.16 -5.09 6.03
CA THR A 70 -8.44 -6.53 6.09
C THR A 70 -7.29 -7.39 5.55
N GLY A 71 -6.16 -6.75 5.24
CA GLY A 71 -4.93 -7.42 4.90
C GLY A 71 -4.77 -7.91 3.48
N TYR A 72 -5.54 -7.34 2.54
CA TYR A 72 -5.44 -7.78 1.15
C TYR A 72 -4.10 -7.45 0.49
N SER A 73 -3.67 -6.20 0.62
CA SER A 73 -2.39 -5.81 0.05
C SER A 73 -1.27 -6.54 0.77
N THR A 74 -1.43 -6.79 2.08
CA THR A 74 -0.37 -7.46 2.81
C THR A 74 -0.24 -8.89 2.31
N LEU A 75 -1.37 -9.53 2.06
CA LEU A 75 -1.41 -10.91 1.59
C LEU A 75 -0.73 -11.01 0.21
N CYS A 76 -1.10 -10.11 -0.72
CA CYS A 76 -0.47 -10.09 -2.05
C CYS A 76 1.03 -9.87 -1.97
N THR A 77 1.44 -8.98 -1.07
CA THR A 77 2.87 -8.66 -0.90
C THR A 77 3.63 -9.87 -0.33
N ALA A 78 3.12 -10.46 0.76
CA ALA A 78 3.79 -11.55 1.45
C ALA A 78 3.91 -12.79 0.55
N LEU A 79 2.90 -13.04 -0.31
CA LEU A 79 2.93 -14.18 -1.23
C LEU A 79 4.04 -14.02 -2.27
N ALA A 80 4.46 -12.77 -2.56
CA ALA A 80 5.52 -12.51 -3.52
C ALA A 80 6.91 -12.51 -2.92
N LEU A 81 7.02 -12.57 -1.59
CA LEU A 81 8.31 -12.54 -0.92
C LEU A 81 8.93 -13.94 -0.87
N PRO A 82 10.27 -14.05 -0.68
CA PRO A 82 10.87 -15.38 -0.44
C PRO A 82 10.42 -15.89 0.94
N ALA A 83 10.68 -17.19 1.26
CA ALA A 83 10.29 -17.80 2.54
C ALA A 83 10.81 -17.08 3.78
N ASP A 84 12.00 -16.49 3.69
CA ASP A 84 12.64 -15.73 4.80
C ASP A 84 12.27 -14.22 4.76
N GLY A 85 11.43 -13.84 3.79
CA GLY A 85 10.97 -12.47 3.61
C GLY A 85 10.05 -12.04 4.74
N ARG A 86 9.94 -10.70 4.97
CA ARG A 86 9.09 -10.20 6.05
CA ARG A 86 9.14 -10.17 6.07
C ARG A 86 8.41 -8.89 5.70
N VAL A 87 7.19 -8.75 6.18
CA VAL A 87 6.38 -7.55 6.07
C VAL A 87 6.15 -6.99 7.45
N ILE A 88 6.50 -5.70 7.66
CA ILE A 88 6.21 -5.01 8.92
CA ILE A 88 6.17 -5.04 8.92
C ILE A 88 4.93 -4.24 8.57
N ALA A 89 3.80 -4.70 9.10
CA ALA A 89 2.50 -4.18 8.77
C ALA A 89 1.91 -3.29 9.88
N CYS A 90 1.92 -1.97 9.64
CA CYS A 90 1.42 -0.94 10.57
C CYS A 90 -0.06 -0.78 10.31
N ASP A 91 -0.84 -1.53 11.11
CA ASP A 91 -2.26 -1.68 10.92
C ASP A 91 -3.04 -0.63 11.63
N LEU A 92 -3.88 0.06 10.88
CA LEU A 92 -4.71 1.14 11.43
C LEU A 92 -6.13 0.73 11.78
N SER A 93 -6.48 -0.57 11.57
CA SER A 93 -7.82 -1.07 11.88
C SER A 93 -7.82 -2.26 12.84
N GLU A 94 -8.05 -2.01 14.16
CA GLU A 94 -8.13 -3.07 15.21
C GLU A 94 -9.24 -4.04 15.00
N GLU A 95 -10.39 -3.53 14.58
CA GLU A 95 -11.60 -4.27 14.36
C GLU A 95 -11.37 -5.46 13.44
N TRP A 96 -10.45 -5.32 12.45
CA TRP A 96 -10.36 -6.31 11.41
C TRP A 96 -9.13 -7.21 11.43
N VAL A 97 -8.31 -7.15 12.47
CA VAL A 97 -7.09 -7.97 12.53
C VAL A 97 -7.44 -9.45 12.43
N SER A 98 -8.51 -9.91 13.11
CA SER A 98 -8.80 -11.35 13.02
C SER A 98 -9.16 -11.79 11.59
N ILE A 99 -9.74 -10.87 10.80
CA ILE A 99 -10.04 -11.19 9.39
C ILE A 99 -8.72 -11.34 8.65
N ALA A 100 -7.86 -10.32 8.73
CA ALA A 100 -6.58 -10.32 8.02
C ALA A 100 -5.79 -11.59 8.39
N ARG A 101 -5.73 -11.90 9.69
CA ARG A 101 -4.96 -13.02 10.20
C ARG A 101 -5.47 -14.32 9.59
N ARG A 102 -6.77 -14.48 9.53
CA ARG A 102 -7.37 -15.70 9.02
C ARG A 102 -6.94 -15.96 7.55
N TYR A 103 -6.94 -14.92 6.70
CA TYR A 103 -6.56 -15.11 5.30
C TYR A 103 -5.04 -15.27 5.17
N TRP A 104 -4.25 -14.62 6.06
CA TRP A 104 -2.81 -14.81 5.98
C TRP A 104 -2.49 -16.26 6.38
N GLN A 105 -3.21 -16.82 7.36
CA GLN A 105 -2.98 -18.21 7.75
C GLN A 105 -3.41 -19.18 6.63
N ARG A 106 -4.54 -18.88 6.01
CA ARG A 106 -5.08 -19.68 4.93
C ARG A 106 -4.09 -19.79 3.77
N ALA A 107 -3.39 -18.67 3.48
CA ALA A 107 -2.43 -18.62 2.37
C ALA A 107 -1.03 -19.09 2.74
N GLY A 108 -0.82 -19.41 4.01
CA GLY A 108 0.46 -19.90 4.52
C GLY A 108 1.51 -18.82 4.64
N VAL A 109 1.09 -17.54 4.82
CA VAL A 109 2.01 -16.40 4.94
C VAL A 109 1.94 -15.69 6.28
N ALA A 110 1.17 -16.20 7.26
CA ALA A 110 1.06 -15.48 8.56
C ALA A 110 2.39 -15.32 9.29
N ASP A 111 3.33 -16.26 9.08
CA ASP A 111 4.66 -16.22 9.71
C ASP A 111 5.58 -15.17 9.07
N ARG A 112 5.19 -14.61 7.91
CA ARG A 112 5.96 -13.60 7.19
C ARG A 112 5.49 -12.20 7.55
N ILE A 113 4.43 -12.06 8.32
CA ILE A 113 3.82 -10.76 8.59
C ILE A 113 3.84 -10.38 10.05
N GLU A 114 4.53 -9.29 10.34
CA GLU A 114 4.65 -8.74 11.68
C GLU A 114 3.71 -7.58 11.82
N VAL A 115 2.60 -7.78 12.54
CA VAL A 115 1.56 -6.80 12.78
C VAL A 115 1.97 -5.83 13.88
N ARG A 116 1.89 -4.53 13.55
CA ARG A 116 2.11 -3.46 14.51
CA ARG A 116 2.11 -3.48 14.53
C ARG A 116 0.83 -2.65 14.54
N LEU A 117 -0.09 -2.98 15.48
CA LEU A 117 -1.37 -2.30 15.56
CA LEU A 117 -1.38 -2.32 15.62
C LEU A 117 -1.15 -1.02 16.33
N GLY A 118 -1.80 0.03 15.91
CA GLY A 118 -1.61 1.29 16.62
C GLY A 118 -1.46 2.44 15.66
N ASP A 119 -1.37 3.62 16.26
CA ASP A 119 -1.23 4.86 15.54
C ASP A 119 -0.05 4.78 14.59
N ALA A 120 -0.29 5.11 13.30
CA ALA A 120 0.73 5.06 12.24
C ALA A 120 1.89 6.01 12.49
N HIS A 121 1.59 7.23 12.96
CA HIS A 121 2.65 8.19 13.24
C HIS A 121 3.58 7.60 14.33
N HIS A 122 3.02 6.97 15.38
CA HIS A 122 3.79 6.41 16.49
C HIS A 122 4.65 5.25 16.00
N SER A 123 4.07 4.37 15.20
CA SER A 123 4.82 3.24 14.64
C SER A 123 5.98 3.67 13.75
N LEU A 124 5.74 4.65 12.88
CA LEU A 124 6.78 5.11 11.95
C LEU A 124 7.88 5.85 12.66
N GLU A 125 7.53 6.62 13.72
CA GLU A 125 8.55 7.29 14.56
C GLU A 125 9.42 6.20 15.21
N ALA A 126 8.81 5.13 15.76
CA ALA A 126 9.61 4.07 16.35
C ALA A 126 10.55 3.41 15.32
N LEU A 127 10.03 3.14 14.11
CA LEU A 127 10.84 2.51 13.08
C LEU A 127 12.00 3.38 12.65
N VAL A 128 11.79 4.71 12.48
CA VAL A 128 12.86 5.61 12.05
CA VAL A 128 12.88 5.60 12.05
C VAL A 128 13.96 5.66 13.14
N GLY A 129 13.55 5.56 14.41
CA GLY A 129 14.51 5.59 15.51
C GLY A 129 15.06 4.23 15.87
N SER A 130 15.13 3.30 14.90
CA SER A 130 15.54 1.92 15.15
C SER A 130 16.53 1.43 14.09
N GLU A 131 17.03 0.20 14.28
CA GLU A 131 17.94 -0.51 13.37
C GLU A 131 17.28 -0.77 12.02
N HIS A 132 15.92 -0.69 11.95
CA HIS A 132 15.18 -0.90 10.70
C HIS A 132 15.34 0.26 9.70
N ARG A 133 15.83 1.44 10.16
CA ARG A 133 15.99 2.61 9.28
C ARG A 133 16.88 2.27 8.08
N GLY A 134 16.39 2.59 6.89
CA GLY A 134 17.11 2.37 5.63
C GLY A 134 17.25 0.93 5.18
N THR A 135 16.44 0.00 5.73
CA THR A 135 16.57 -1.43 5.43
C THR A 135 15.43 -2.00 4.57
N PHE A 136 14.36 -1.23 4.39
CA PHE A 136 13.17 -1.71 3.67
C PHE A 136 13.36 -1.60 2.18
N ASP A 137 12.95 -2.64 1.46
CA ASP A 137 13.02 -2.64 0.01
C ASP A 137 11.82 -1.92 -0.62
N LEU A 138 10.68 -1.90 0.08
CA LEU A 138 9.44 -1.38 -0.46
C LEU A 138 8.58 -0.92 0.70
N ALA A 139 7.82 0.18 0.48
CA ALA A 139 6.86 0.65 1.45
C ALA A 139 5.57 0.94 0.71
N PHE A 140 4.43 0.50 1.25
CA PHE A 140 3.11 0.68 0.65
C PHE A 140 2.26 1.39 1.66
N ILE A 141 1.78 2.57 1.27
CA ILE A 141 1.02 3.45 2.15
CA ILE A 141 1.00 3.41 2.18
C ILE A 141 -0.40 3.62 1.66
N ASP A 142 -1.39 3.26 2.51
CA ASP A 142 -2.80 3.46 2.18
C ASP A 142 -3.42 3.84 3.48
N ALA A 143 -3.58 5.13 3.74
CA ALA A 143 -4.02 5.60 5.05
C ALA A 143 -4.72 6.96 4.97
N ASP A 144 -4.85 7.67 6.10
CA ASP A 144 -5.52 8.99 6.11
C ASP A 144 -4.71 9.97 5.29
N LYS A 145 -5.37 10.59 4.31
CA LYS A 145 -4.73 11.48 3.36
C LYS A 145 -4.09 12.70 3.97
N GLU A 146 -4.65 13.23 5.07
CA GLU A 146 -4.13 14.40 5.77
CA GLU A 146 -4.09 14.41 5.73
C GLU A 146 -2.68 14.13 6.23
N SER A 147 -2.32 12.84 6.42
CA SER A 147 -0.99 12.49 6.93
C SER A 147 -0.02 11.99 5.86
N TYR A 148 -0.38 12.08 4.57
CA TYR A 148 0.50 11.51 3.56
C TYR A 148 1.91 12.13 3.52
N ASP A 149 2.04 13.45 3.78
CA ASP A 149 3.37 14.04 3.74
C ASP A 149 4.24 13.39 4.85
N PHE A 150 3.69 13.23 6.06
CA PHE A 150 4.41 12.57 7.16
C PHE A 150 4.79 11.12 6.77
N TYR A 151 3.83 10.37 6.23
CA TYR A 151 4.10 8.97 5.86
C TYR A 151 5.17 8.85 4.79
N TYR A 152 5.07 9.72 3.76
CA TYR A 152 6.06 9.72 2.70
C TYR A 152 7.48 10.05 3.20
N GLU A 153 7.60 11.09 4.02
CA GLU A 153 8.90 11.51 4.57
C GLU A 153 9.51 10.40 5.43
N HIS A 154 8.66 9.74 6.23
CA HIS A 154 9.18 8.63 7.05
C HIS A 154 9.52 7.42 6.13
N ALA A 155 8.70 7.11 5.12
CA ALA A 155 9.02 5.97 4.22
C ALA A 155 10.35 6.25 3.53
N LEU A 156 10.61 7.52 3.13
CA LEU A 156 11.87 7.87 2.46
C LEU A 156 13.06 7.53 3.33
N ARG A 157 12.97 7.74 4.66
CA ARG A 157 14.06 7.39 5.57
C ARG A 157 14.10 5.88 5.79
N LEU A 158 12.94 5.20 5.75
CA LEU A 158 12.89 3.79 6.05
C LEU A 158 13.34 2.88 4.92
N VAL A 159 13.10 3.27 3.66
CA VAL A 159 13.53 2.44 2.54
C VAL A 159 15.01 2.62 2.23
N ARG A 160 15.62 1.57 1.67
CA ARG A 160 17.00 1.58 1.26
C ARG A 160 17.13 2.49 0.01
N PRO A 161 18.36 2.96 -0.34
CA PRO A 161 18.53 3.65 -1.63
C PRO A 161 18.16 2.64 -2.74
N GLY A 162 17.35 3.09 -3.70
CA GLY A 162 16.82 2.27 -4.76
C GLY A 162 15.50 1.62 -4.37
N GLY A 163 15.09 1.78 -3.10
CA GLY A 163 13.83 1.22 -2.62
C GLY A 163 12.61 1.90 -3.25
N LEU A 164 11.46 1.24 -3.19
CA LEU A 164 10.25 1.76 -3.80
C LEU A 164 9.24 2.15 -2.74
N ILE A 165 8.74 3.36 -2.83
CA ILE A 165 7.63 3.87 -2.00
C ILE A 165 6.39 3.94 -2.87
N ILE A 166 5.24 3.46 -2.38
CA ILE A 166 4.01 3.43 -3.12
C ILE A 166 2.93 4.09 -2.26
N LEU A 167 2.28 5.14 -2.80
CA LEU A 167 1.22 5.84 -2.08
C LEU A 167 -0.07 5.53 -2.82
N ASP A 168 -1.02 4.90 -2.11
CA ASP A 168 -2.28 4.53 -2.72
C ASP A 168 -3.34 5.63 -2.65
N ASN A 169 -4.30 5.59 -3.62
CA ASN A 169 -5.49 6.45 -3.66
C ASN A 169 -5.15 7.93 -3.84
N THR A 170 -4.06 8.20 -4.57
CA THR A 170 -3.62 9.58 -4.76
C THR A 170 -4.51 10.37 -5.73
N LEU A 171 -5.49 9.73 -6.40
CA LEU A 171 -6.42 10.43 -7.29
C LEU A 171 -7.77 10.70 -6.54
N TRP A 172 -8.01 10.02 -5.39
CA TRP A 172 -9.13 10.27 -4.48
C TRP A 172 -10.47 10.52 -5.19
N SER A 173 -10.98 9.50 -5.93
CA SER A 173 -12.26 9.58 -6.68
C SER A 173 -12.31 10.75 -7.72
N GLY A 174 -11.14 11.26 -8.12
CA GLY A 174 -11.05 12.39 -9.03
C GLY A 174 -11.15 13.72 -8.32
N LYS A 175 -11.27 13.71 -6.98
CA LYS A 175 -11.46 14.96 -6.23
C LYS A 175 -10.27 15.89 -6.36
N VAL A 176 -9.08 15.33 -6.49
CA VAL A 176 -7.88 16.16 -6.66
C VAL A 176 -7.95 17.04 -7.91
N ALA A 177 -8.64 16.57 -8.95
CA ALA A 177 -8.78 17.29 -10.21
C ALA A 177 -10.04 18.12 -10.30
N ASP A 178 -11.00 17.89 -9.40
CA ASP A 178 -12.30 18.53 -9.47
C ASP A 178 -12.27 19.97 -8.90
N PRO A 179 -12.44 20.99 -9.77
CA PRO A 179 -12.42 22.39 -9.25
C PRO A 179 -13.51 22.73 -8.25
N SER A 180 -14.60 21.91 -8.18
CA SER A 180 -15.68 22.16 -7.22
C SER A 180 -15.34 21.69 -5.80
N VAL A 181 -14.23 20.92 -5.65
CA VAL A 181 -13.83 20.43 -4.33
C VAL A 181 -12.86 21.45 -3.74
N VAL A 182 -13.38 22.28 -2.84
CA VAL A 182 -12.64 23.37 -2.16
C VAL A 182 -13.00 23.28 -0.69
N GLY A 183 -11.99 23.39 0.18
CA GLY A 183 -12.19 23.35 1.62
C GLY A 183 -12.20 21.94 2.18
N ASP A 184 -11.77 20.94 1.38
CA ASP A 184 -11.74 19.58 1.88
C ASP A 184 -10.30 19.22 2.33
N PRO A 185 -10.07 18.97 3.63
CA PRO A 185 -8.70 18.67 4.10
C PRO A 185 -8.01 17.49 3.40
N GLU A 186 -8.72 16.40 3.15
CA GLU A 186 -8.10 15.25 2.53
C GLU A 186 -7.66 15.60 1.09
N THR A 187 -8.57 16.23 0.32
CA THR A 187 -8.23 16.60 -1.07
C THR A 187 -7.08 17.60 -1.11
N ASP A 188 -7.08 18.60 -0.22
CA ASP A 188 -6.00 19.57 -0.19
C ASP A 188 -4.68 18.94 0.16
N SER A 189 -4.67 17.99 1.10
CA SER A 189 -3.43 17.32 1.48
C SER A 189 -2.90 16.52 0.29
N LEU A 190 -3.79 15.79 -0.41
CA LEU A 190 -3.35 15.05 -1.60
C LEU A 190 -2.85 15.99 -2.70
N ARG A 191 -3.56 17.12 -2.94
CA ARG A 191 -3.07 18.07 -3.94
C ARG A 191 -1.68 18.56 -3.57
N ARG A 192 -1.42 18.79 -2.26
CA ARG A 192 -0.10 19.26 -1.86
C ARG A 192 0.96 18.18 -2.05
N ILE A 193 0.72 16.95 -1.58
CA ILE A 193 1.79 15.95 -1.73
C ILE A 193 2.03 15.57 -3.21
N ASN A 194 0.97 15.53 -4.03
CA ASN A 194 1.14 15.18 -5.45
C ASN A 194 2.01 16.26 -6.13
N ALA A 195 1.75 17.52 -5.81
CA ALA A 195 2.54 18.64 -6.37
C ALA A 195 3.99 18.60 -5.86
N LYS A 196 4.20 18.32 -4.57
CA LYS A 196 5.52 18.20 -4.00
C LYS A 196 6.31 17.07 -4.67
N LEU A 197 5.67 15.91 -4.92
CA LEU A 197 6.42 14.82 -5.54
C LEU A 197 6.89 15.13 -6.94
N LEU A 198 6.14 15.95 -7.68
CA LEU A 198 6.54 16.28 -9.03
C LEU A 198 7.97 16.85 -9.08
N THR A 199 8.32 17.70 -8.13
CA THR A 199 9.64 18.35 -8.12
C THR A 199 10.58 17.81 -7.06
N ASP A 200 10.30 16.64 -6.49
CA ASP A 200 11.16 16.09 -5.45
C ASP A 200 12.32 15.32 -6.11
N GLU A 201 13.51 15.95 -6.10
CA GLU A 201 14.70 15.38 -6.69
C GLU A 201 15.24 14.15 -5.98
N ARG A 202 14.66 13.78 -4.82
CA ARG A 202 15.10 12.59 -4.08
C ARG A 202 14.57 11.29 -4.68
N VAL A 203 13.57 11.38 -5.59
CA VAL A 203 12.95 10.18 -6.11
C VAL A 203 12.74 10.26 -7.61
N ASP A 204 12.61 9.08 -8.24
CA ASP A 204 12.08 8.87 -9.59
C ASP A 204 10.59 8.68 -9.38
N LEU A 205 9.76 9.20 -10.27
CA LEU A 205 8.30 9.22 -10.04
C LEU A 205 7.49 8.70 -11.19
N SER A 206 6.41 7.99 -10.89
CA SER A 206 5.36 7.68 -11.84
C SER A 206 4.04 7.62 -11.12
N MET A 207 3.04 8.31 -11.63
CA MET A 207 1.71 8.27 -11.05
C MET A 207 0.83 7.49 -12.02
N LEU A 208 0.25 6.40 -11.53
CA LEU A 208 -0.59 5.53 -12.36
C LEU A 208 -2.06 5.73 -12.15
N PRO A 209 -2.88 5.65 -13.19
CA PRO A 209 -4.33 5.78 -12.97
C PRO A 209 -5.01 4.57 -12.31
N ILE A 210 -4.31 3.43 -12.17
CA ILE A 210 -4.88 2.21 -11.60
C ILE A 210 -5.55 2.40 -10.25
N ALA A 211 -6.75 1.78 -10.06
CA ALA A 211 -7.41 1.71 -8.74
C ALA A 211 -7.35 3.00 -7.85
N ASP A 212 -7.95 4.05 -8.32
CA ASP A 212 -8.05 5.34 -7.62
C ASP A 212 -6.70 6.07 -7.48
N GLY A 213 -5.74 5.77 -8.37
CA GLY A 213 -4.42 6.36 -8.40
C GLY A 213 -3.44 5.57 -7.55
N LEU A 214 -2.21 5.45 -8.06
CA LEU A 214 -1.13 4.78 -7.34
C LEU A 214 0.12 5.53 -7.72
N THR A 215 0.77 6.11 -6.73
CA THR A 215 1.99 6.83 -6.99
C THR A 215 3.20 5.97 -6.64
N LEU A 216 4.13 5.84 -7.57
CA LEU A 216 5.38 5.11 -7.38
C LEU A 216 6.51 6.11 -7.26
N ALA A 217 7.32 5.98 -6.22
CA ALA A 217 8.46 6.86 -5.99
C ALA A 217 9.67 6.02 -5.60
N ARG A 218 10.64 5.93 -6.50
CA ARG A 218 11.85 5.17 -6.28
C ARG A 218 12.89 6.07 -5.64
N LYS A 219 13.41 5.69 -4.46
CA LYS A 219 14.41 6.49 -3.76
C LYS A 219 15.72 6.48 -4.53
N ARG A 220 16.18 7.66 -4.98
CA ARG A 220 17.43 7.73 -5.72
C ARG A 220 18.64 7.51 -4.84
N LYS A 221 19.67 6.88 -5.43
CA LYS A 221 20.94 6.65 -4.77
C LYS A 221 21.71 7.97 -4.84
N LEU A 222 22.20 8.47 -3.70
CA LEU A 222 22.92 9.75 -3.62
C LEU A 222 24.13 9.64 -2.70
MG MG B . -2.35 -0.79 3.41
MG MG C . -4.71 2.85 -6.35
CL CL D . 19.58 6.35 -8.53
O6 BU3 E . -4.17 22.73 -3.75
C3 BU3 E . -3.15 22.65 -2.75
C4 BU3 E . -3.58 23.37 -1.49
C2 BU3 E . -1.80 23.22 -3.31
O5 BU3 E . -1.88 24.63 -3.55
C1 BU3 E . -1.32 22.47 -4.54
O6 BU3 F . -13.30 -10.10 -13.32
C3 BU3 F . -12.98 -11.44 -12.97
C4 BU3 F . -14.24 -12.15 -12.49
C2 BU3 F . -11.81 -11.43 -11.87
O5 BU3 F . -11.48 -12.74 -11.44
C1 BU3 F . -12.13 -10.56 -10.67
O6 BU3 G . -7.46 28.81 0.47
C3 BU3 G . -7.11 28.12 -0.73
C4 BU3 G . -8.18 28.39 -1.77
C2 BU3 G . -6.94 26.60 -0.40
O5 BU3 G . -6.18 26.42 0.80
C1 BU3 G . -6.29 25.83 -1.53
O6 BU3 H . 3.33 21.24 -1.87
C3 BU3 H . 3.33 22.47 -2.60
C4 BU3 H . 1.93 23.03 -2.64
C2 BU3 H . 3.91 22.14 -4.00
O5 BU3 H . 5.31 21.87 -3.86
C1 BU3 H . 3.66 23.22 -5.03
O6 BU3 I . 10.84 17.91 -1.68
C3 BU3 I . 11.84 18.91 -1.83
C4 BU3 I . 11.88 19.40 -3.26
C2 BU3 I . 13.22 18.39 -1.35
O5 BU3 I . 13.54 17.20 -2.07
C1 BU3 I . 13.27 18.15 0.14
#